data_9FAG
#
_entry.id   9FAG
#
_cell.length_a   59.591
_cell.length_b   99.208
_cell.length_c   111.043
_cell.angle_alpha   90.000
_cell.angle_beta   90.000
_cell.angle_gamma   90.000
#
_symmetry.space_group_name_H-M   'P 21 21 21'
#
loop_
_entity.id
_entity.type
_entity.pdbx_description
1 polymer Fiber
2 non-polymer 'methyl 4,9-di-O-acetyl-5-acetamido-3,5-dideoxy-D-glycero-alpha-D-galacto-non-2-ulopyranosidonic acid'
3 non-polymer 'TRIETHYLENE GLYCOL'
4 non-polymer 1,2-ETHANEDIOL
5 water water
#
_entity_poly.entity_id   1
_entity_poly.type   'polypeptide(L)'
_entity_poly.pdbx_seq_one_letter_code
;MSKRLRVEDDFNPVYPYGYARNQNIPFLTPPFVSSDGFQNFPPGVLSLKLADPIAIANGNVSLKVGGGLTVEQQSGKLSV
DTKAPLQVANDNKLELSYDDPFKVENNKLGIKAGHGLAVVTKENTSLPSLVGTLVVLTGKGIGTGSSAHGGTIDVRLGEG
GGLSFDEKGDLVAWDKKNDTRTLWTTPDPSPNCKVETARDSKLTLALTKCGSQILATVSLLVVTGKYAIISDTVNPKQFS
IKLLFNDKGVLLSDSNLDGTYWNYRSNNNNIGTPYKEAVGFMPSTTAYPKPTNNTSTDPDKKVSQGKNKIVSNIYLGGEV
YQPGFIVVKFNQETDANCAYSITFDFGWGKVYKDPIPYDTSSFTFSYIAQE
;
_entity_poly.pdbx_strand_id   A,B,C
#
loop_
_chem_comp.id
_chem_comp.type
_chem_comp.name
_chem_comp.formula
EDO non-polymer 1,2-ETHANEDIOL 'C2 H6 O2'
PGE non-polymer 'TRIETHYLENE GLYCOL' 'C6 H14 O4'
SIO D-saccharide, alpha linking 'methyl 4,9-di-O-acetyl-5-acetamido-3,5-dideoxy-D-glycero-alpha-D-galacto-non-2-ulopyranosidonic acid' 'C16 H25 N O11'
#
# COMPACT_ATOMS: atom_id res chain seq x y z
N ASP A 179 1.36 15.46 15.47
CA ASP A 179 2.36 16.08 14.62
C ASP A 179 2.42 15.38 13.26
N THR A 180 3.22 15.92 12.33
CA THR A 180 3.39 15.37 10.99
C THR A 180 4.81 14.83 10.78
N ARG A 181 5.47 14.44 11.86
N ARG A 181 5.47 14.44 11.87
CA ARG A 181 6.88 14.12 11.78
CA ARG A 181 6.87 14.09 11.85
C ARG A 181 7.09 12.69 11.34
C ARG A 181 7.09 12.70 11.28
N THR A 182 8.35 12.33 11.15
CA THR A 182 8.73 11.01 10.70
C THR A 182 9.73 10.43 11.68
N LEU A 183 9.48 9.18 12.09
CA LEU A 183 10.45 8.32 12.77
C LEU A 183 11.06 7.41 11.73
N TRP A 184 12.38 7.33 11.67
CA TRP A 184 12.97 6.47 10.65
C TRP A 184 14.30 5.88 11.12
N THR A 185 14.74 4.86 10.39
CA THR A 185 16.14 4.42 10.44
C THR A 185 16.99 5.51 9.80
N THR A 186 17.98 6.01 10.53
CA THR A 186 18.70 7.22 10.14
C THR A 186 19.63 6.94 8.95
N PRO A 187 20.09 7.99 8.22
CA PRO A 187 20.84 7.75 6.96
C PRO A 187 22.27 7.24 7.13
N ASP A 188 22.66 6.76 8.29
CA ASP A 188 23.94 6.08 8.41
C ASP A 188 23.96 4.85 7.49
N PRO A 189 25.01 4.62 6.71
CA PRO A 189 25.02 3.46 5.81
C PRO A 189 25.46 2.14 6.44
N SER A 190 25.79 2.09 7.73
N SER A 190 25.77 2.10 7.73
CA SER A 190 26.29 0.85 8.31
CA SER A 190 26.26 0.87 8.35
C SER A 190 25.13 -0.10 8.59
C SER A 190 25.10 -0.11 8.52
N PRO A 191 25.40 -1.40 8.70
CA PRO A 191 24.35 -2.34 9.09
C PRO A 191 23.76 -1.94 10.44
N ASN A 192 22.44 -2.08 10.58
CA ASN A 192 21.78 -1.52 11.75
C ASN A 192 20.89 -2.53 12.44
N CYS A 193 20.95 -3.79 12.03
CA CYS A 193 19.90 -4.71 12.41
C CYS A 193 20.47 -6.12 12.53
N LYS A 194 19.80 -6.94 13.32
CA LYS A 194 20.21 -8.32 13.54
C LYS A 194 19.13 -9.26 13.03
N VAL A 195 19.49 -10.10 12.06
CA VAL A 195 18.63 -11.18 11.62
C VAL A 195 19.08 -12.43 12.36
N GLU A 196 20.34 -12.79 12.17
CA GLU A 196 20.97 -13.94 12.79
C GLU A 196 21.99 -13.53 13.83
N THR A 197 22.86 -12.59 13.49
CA THR A 197 23.90 -12.08 14.39
C THR A 197 23.89 -10.56 14.29
N ALA A 198 24.53 -9.89 15.26
CA ALA A 198 24.56 -8.43 15.28
C ALA A 198 25.13 -7.87 13.98
N ARG A 199 24.49 -6.80 13.49
CA ARG A 199 24.91 -6.01 12.32
C ARG A 199 25.06 -6.87 11.06
N ASP A 200 24.18 -7.83 10.86
CA ASP A 200 24.20 -8.58 9.62
C ASP A 200 23.20 -8.09 8.59
N SER A 201 22.47 -7.01 8.88
N SER A 201 22.47 -7.01 8.88
CA SER A 201 21.44 -6.57 7.96
CA SER A 201 21.45 -6.57 7.95
C SER A 201 21.26 -5.06 8.07
C SER A 201 21.25 -5.07 8.07
N LYS A 202 20.56 -4.52 7.07
CA LYS A 202 20.31 -3.09 6.98
C LYS A 202 18.81 -2.94 6.81
N LEU A 203 18.13 -2.51 7.86
CA LEU A 203 16.70 -2.25 7.77
C LEU A 203 16.48 -0.80 7.36
N THR A 204 15.63 -0.58 6.35
CA THR A 204 15.12 0.75 6.04
C THR A 204 13.65 0.78 6.47
N LEU A 205 13.33 1.67 7.40
CA LEU A 205 11.94 1.85 7.84
C LEU A 205 11.67 3.33 8.07
N ALA A 206 10.55 3.84 7.55
CA ALA A 206 10.14 5.21 7.84
C ALA A 206 8.68 5.17 8.22
N LEU A 207 8.37 5.79 9.36
CA LEU A 207 7.00 5.93 9.85
C LEU A 207 6.64 7.41 9.91
N THR A 208 5.55 7.77 9.25
CA THR A 208 5.12 9.15 9.15
C THR A 208 3.70 9.27 9.68
N LYS A 209 3.51 10.19 10.61
CA LYS A 209 2.25 10.28 11.30
C LYS A 209 1.28 11.11 10.47
N CYS A 210 0.13 10.52 10.14
CA CYS A 210 -0.97 11.17 9.42
C CYS A 210 -2.18 11.16 10.35
N GLY A 211 -2.17 12.05 11.34
CA GLY A 211 -3.17 12.02 12.38
C GLY A 211 -3.26 10.64 13.01
N SER A 212 -4.44 10.02 12.93
CA SER A 212 -4.67 8.75 13.61
C SER A 212 -4.18 7.54 12.81
N GLN A 213 -3.58 7.72 11.63
CA GLN A 213 -2.93 6.63 10.91
C GLN A 213 -1.46 6.93 10.70
N ILE A 214 -0.65 5.88 10.74
CA ILE A 214 0.77 5.94 10.43
C ILE A 214 0.96 5.40 9.01
N LEU A 215 1.68 6.15 8.18
CA LEU A 215 2.05 5.70 6.85
C LEU A 215 3.48 5.17 6.92
N ALA A 216 3.73 3.99 6.34
CA ALA A 216 5.04 3.36 6.54
C ALA A 216 5.62 2.81 5.24
N THR A 217 6.95 2.77 5.15
CA THR A 217 7.60 2.07 4.06
C THR A 217 8.78 1.33 4.68
N VAL A 218 9.00 0.09 4.27
CA VAL A 218 10.01 -0.78 4.87
C VAL A 218 10.69 -1.58 3.78
N SER A 219 12.00 -1.80 3.93
N SER A 219 11.98 -1.82 3.94
CA SER A 219 12.80 -2.63 3.02
CA SER A 219 12.76 -2.69 3.07
C SER A 219 13.96 -3.21 3.84
C SER A 219 13.94 -3.23 3.85
N LEU A 220 14.45 -4.38 3.43
CA LEU A 220 15.51 -5.04 4.18
C LEU A 220 16.57 -5.57 3.23
N LEU A 221 17.83 -5.33 3.57
CA LEU A 221 18.98 -5.95 2.90
C LEU A 221 19.76 -6.74 3.95
N VAL A 222 19.90 -8.06 3.74
CA VAL A 222 20.76 -8.89 4.60
C VAL A 222 22.13 -8.89 3.97
N VAL A 223 23.16 -8.45 4.72
CA VAL A 223 24.47 -8.26 4.11
C VAL A 223 25.39 -9.43 4.40
N THR A 224 25.19 -10.14 5.51
CA THR A 224 26.11 -11.23 5.83
C THR A 224 25.33 -12.34 6.52
N GLY A 225 25.94 -13.51 6.59
CA GLY A 225 25.39 -14.65 7.34
C GLY A 225 24.41 -15.49 6.53
N LYS A 226 23.65 -16.29 7.27
CA LYS A 226 22.80 -17.33 6.69
C LYS A 226 21.83 -16.81 5.63
N TYR A 227 21.23 -15.64 5.86
CA TYR A 227 20.16 -15.18 4.96
C TYR A 227 20.63 -14.11 3.96
N ALA A 228 21.94 -13.88 3.84
CA ALA A 228 22.41 -12.88 2.89
C ALA A 228 22.15 -13.32 1.45
N ILE A 229 22.35 -14.62 1.17
CA ILE A 229 22.16 -15.21 -0.16
C ILE A 229 21.30 -16.46 0.06
N ILE A 230 20.12 -16.53 -0.56
CA ILE A 230 19.21 -17.63 -0.24
C ILE A 230 18.97 -18.49 -1.48
N SER A 231 18.42 -19.68 -1.21
CA SER A 231 18.06 -20.66 -2.22
C SER A 231 17.21 -21.70 -1.49
N ASP A 232 16.72 -22.70 -2.22
CA ASP A 232 15.80 -23.65 -1.61
C ASP A 232 16.44 -24.53 -0.53
N THR A 233 17.77 -24.65 -0.48
CA THR A 233 18.38 -25.47 0.55
C THR A 233 18.59 -24.73 1.87
N VAL A 234 18.20 -23.47 1.98
CA VAL A 234 18.26 -22.73 3.25
C VAL A 234 16.94 -22.96 4.00
N ASN A 235 17.04 -23.29 5.29
CA ASN A 235 15.87 -23.49 6.19
C ASN A 235 16.15 -22.96 7.59
N PRO A 236 15.12 -22.42 8.26
CA PRO A 236 13.78 -22.17 7.71
C PRO A 236 13.80 -21.01 6.72
N LYS A 237 12.70 -20.90 5.99
CA LYS A 237 12.54 -19.89 4.94
C LYS A 237 11.80 -18.68 5.47
N GLN A 238 12.06 -18.31 6.73
CA GLN A 238 11.39 -17.20 7.39
C GLN A 238 12.27 -16.79 8.56
N PHE A 239 12.32 -15.49 8.86
CA PHE A 239 13.00 -15.02 10.05
C PHE A 239 12.27 -13.77 10.50
N SER A 240 12.51 -13.36 11.74
CA SER A 240 11.72 -12.32 12.37
C SER A 240 12.59 -11.17 12.87
N ILE A 241 12.16 -9.92 12.61
CA ILE A 241 12.82 -8.71 13.08
C ILE A 241 11.85 -7.98 13.98
N LYS A 242 12.18 -7.85 15.25
CA LYS A 242 11.25 -7.32 16.25
C LYS A 242 11.66 -5.90 16.63
N LEU A 243 10.70 -4.98 16.57
CA LEU A 243 10.83 -3.64 17.16
C LEU A 243 9.93 -3.62 18.39
N LEU A 244 10.55 -3.50 19.55
CA LEU A 244 9.87 -3.52 20.84
C LEU A 244 9.97 -2.15 21.49
N PHE A 245 8.85 -1.61 21.97
CA PHE A 245 8.82 -0.25 22.50
C PHE A 245 8.25 -0.24 23.91
N ASN A 246 8.78 0.65 24.78
CA ASN A 246 8.23 0.84 26.11
C ASN A 246 7.01 1.75 26.03
N ASP A 247 6.43 2.15 27.17
CA ASP A 247 5.16 2.87 27.10
C ASP A 247 5.30 4.32 26.61
N LYS A 248 6.53 4.81 26.42
CA LYS A 248 6.78 6.12 25.81
C LYS A 248 7.09 6.03 24.33
N GLY A 249 7.02 4.83 23.75
CA GLY A 249 7.34 4.66 22.35
C GLY A 249 8.83 4.60 22.05
N VAL A 250 9.67 4.45 23.07
CA VAL A 250 11.10 4.34 22.89
C VAL A 250 11.49 2.89 22.65
N LEU A 251 12.40 2.66 21.70
CA LEU A 251 12.83 1.34 21.29
C LEU A 251 13.68 0.67 22.37
N LEU A 252 13.29 -0.55 22.75
CA LEU A 252 13.99 -1.31 23.80
C LEU A 252 15.22 -2.01 23.20
N SER A 253 16.24 -2.18 24.03
CA SER A 253 17.50 -2.76 23.54
C SER A 253 17.35 -4.24 23.15
N ASP A 254 16.28 -4.92 23.58
CA ASP A 254 16.06 -6.29 23.09
C ASP A 254 15.55 -6.34 21.64
N SER A 255 15.35 -5.21 20.99
CA SER A 255 14.91 -5.21 19.59
C SER A 255 16.02 -5.70 18.68
N ASN A 256 15.64 -6.28 17.54
CA ASN A 256 16.64 -6.63 16.53
C ASN A 256 17.27 -5.37 15.92
N LEU A 257 16.52 -4.27 15.85
CA LEU A 257 17.05 -3.02 15.30
C LEU A 257 17.92 -2.35 16.34
N ASP A 258 19.11 -1.89 15.95
CA ASP A 258 20.02 -1.19 16.86
C ASP A 258 19.52 0.25 17.00
N GLY A 259 19.09 0.64 18.20
CA GLY A 259 18.51 1.97 18.36
C GLY A 259 19.48 3.12 18.14
N THR A 260 20.76 2.84 18.01
CA THR A 260 21.72 3.82 17.53
C THR A 260 21.22 4.47 16.25
N TYR A 261 20.41 3.76 15.47
CA TYR A 261 20.05 4.21 14.12
C TYR A 261 18.56 4.50 13.99
N TRP A 262 17.88 4.82 15.09
CA TRP A 262 16.43 4.99 15.10
C TRP A 262 16.10 6.31 15.80
N ASN A 263 15.51 7.26 15.07
CA ASN A 263 15.27 8.60 15.60
C ASN A 263 14.26 9.31 14.69
N TYR A 264 13.75 10.43 15.19
CA TYR A 264 12.98 11.35 14.35
C TYR A 264 13.86 11.91 13.25
N ARG A 265 13.27 12.07 12.07
CA ARG A 265 13.96 12.74 10.99
C ARG A 265 13.87 14.25 11.26
N SER A 266 14.97 14.94 11.05
CA SER A 266 14.94 16.38 11.40
C SER A 266 15.63 17.27 10.41
N ASN A 270 19.70 17.08 15.36
CA ASN A 270 19.21 16.13 16.37
C ASN A 270 20.00 14.82 16.34
N ILE A 271 21.14 14.84 15.64
CA ILE A 271 21.91 13.63 15.38
C ILE A 271 22.32 12.94 16.68
N GLY A 272 22.69 13.71 17.71
CA GLY A 272 23.08 13.15 18.99
C GLY A 272 22.05 13.23 20.09
N THR A 273 20.81 13.59 19.78
CA THR A 273 19.76 13.71 20.78
C THR A 273 18.72 12.62 20.52
N PRO A 274 18.62 11.58 21.37
CA PRO A 274 17.58 10.56 21.15
C PRO A 274 16.21 11.08 21.55
N TYR A 275 15.17 10.62 20.86
CA TYR A 275 13.85 11.13 21.19
C TYR A 275 13.37 10.57 22.53
N LYS A 276 12.50 11.34 23.20
CA LYS A 276 12.00 10.94 24.51
C LYS A 276 10.63 10.30 24.46
N GLU A 277 9.85 10.57 23.42
CA GLU A 277 8.43 10.23 23.42
C GLU A 277 7.97 10.07 21.98
N ALA A 278 7.27 8.96 21.70
CA ALA A 278 6.69 8.75 20.38
C ALA A 278 5.44 7.88 20.44
N VAL A 279 4.63 8.03 21.50
CA VAL A 279 3.42 7.24 21.64
C VAL A 279 2.53 7.37 20.41
N GLY A 280 2.52 8.55 19.78
CA GLY A 280 1.68 8.79 18.63
C GLY A 280 2.03 7.97 17.40
N PHE A 281 3.21 7.34 17.40
CA PHE A 281 3.63 6.47 16.32
C PHE A 281 3.38 5.01 16.63
N MET A 282 2.89 4.69 17.85
CA MET A 282 2.77 3.29 18.22
C MET A 282 1.50 2.68 17.64
N PRO A 283 1.52 1.40 17.31
CA PRO A 283 0.28 0.75 16.87
C PRO A 283 -0.73 0.70 18.01
N SER A 284 -1.97 1.10 17.72
CA SER A 284 -3.05 1.10 18.72
C SER A 284 -3.17 -0.24 19.44
N THR A 285 -3.20 -0.20 20.77
CA THR A 285 -3.51 -1.43 21.50
C THR A 285 -5.01 -1.68 21.59
N THR A 286 -5.83 -0.77 21.08
CA THR A 286 -7.26 -1.03 20.94
C THR A 286 -7.54 -1.68 19.60
N ALA A 287 -6.98 -1.16 18.52
CA ALA A 287 -7.18 -1.80 17.23
C ALA A 287 -6.45 -3.13 17.19
N TYR A 288 -5.26 -3.18 17.80
CA TYR A 288 -4.38 -4.35 17.73
C TYR A 288 -3.99 -4.81 19.13
N PRO A 289 -4.90 -5.47 19.84
CA PRO A 289 -4.61 -5.80 21.24
C PRO A 289 -3.52 -6.86 21.37
N LYS A 290 -2.76 -6.77 22.46
CA LYS A 290 -1.81 -7.82 22.77
C LYS A 290 -2.58 -9.15 22.92
N PRO A 291 -1.96 -10.27 22.57
CA PRO A 291 -2.65 -11.56 22.67
C PRO A 291 -2.98 -11.94 24.10
N THR A 292 -4.07 -12.70 24.25
CA THR A 292 -4.45 -13.30 25.54
C THR A 292 -4.55 -14.82 25.45
N THR A 297 -15.91 -17.16 24.19
CA THR A 297 -17.07 -18.06 24.06
C THR A 297 -18.11 -17.51 23.07
N ASP A 298 -18.26 -16.19 23.07
CA ASP A 298 -19.22 -15.53 22.18
C ASP A 298 -18.61 -15.37 20.78
N PRO A 299 -19.28 -15.83 19.72
CA PRO A 299 -18.86 -15.45 18.37
C PRO A 299 -18.71 -13.94 18.18
N ASP A 300 -19.63 -13.15 18.74
CA ASP A 300 -19.54 -11.70 18.60
C ASP A 300 -18.34 -11.12 19.33
N LYS A 301 -17.72 -11.88 20.23
CA LYS A 301 -16.51 -11.47 20.94
C LYS A 301 -15.27 -12.17 20.41
N LYS A 302 -15.37 -12.85 19.27
CA LYS A 302 -14.21 -13.48 18.66
C LYS A 302 -13.18 -12.41 18.30
N VAL A 303 -11.92 -12.67 18.63
CA VAL A 303 -10.83 -11.73 18.40
C VAL A 303 -10.15 -12.08 17.08
N SER A 304 -10.03 -11.07 16.20
CA SER A 304 -9.46 -11.29 14.88
C SER A 304 -7.99 -11.68 14.98
N GLN A 305 -7.62 -12.76 14.31
CA GLN A 305 -6.21 -13.12 14.19
C GLN A 305 -5.55 -12.45 13.01
N GLY A 306 -6.33 -12.01 12.02
CA GLY A 306 -5.70 -11.39 10.87
C GLY A 306 -5.48 -9.89 11.04
N LYS A 307 -6.30 -9.25 11.86
CA LYS A 307 -6.36 -7.79 11.82
C LYS A 307 -5.03 -7.14 12.23
N ASN A 308 -4.28 -7.77 13.13
CA ASN A 308 -3.04 -7.18 13.58
C ASN A 308 -1.87 -7.53 12.67
N LYS A 309 -2.14 -8.12 11.51
CA LYS A 309 -1.08 -8.45 10.55
C LYS A 309 -1.40 -7.83 9.19
N ILE A 310 -0.32 -7.51 8.47
CA ILE A 310 -0.39 -7.07 7.08
C ILE A 310 0.56 -7.98 6.32
N VAL A 311 0.09 -8.63 5.26
CA VAL A 311 0.85 -9.68 4.63
C VAL A 311 0.90 -9.35 3.16
N SER A 312 2.07 -9.48 2.55
CA SER A 312 2.10 -9.23 1.11
C SER A 312 3.33 -9.87 0.51
N ASN A 313 3.35 -9.96 -0.80
CA ASN A 313 4.60 -10.26 -1.46
C ASN A 313 5.52 -9.04 -1.43
N ILE A 314 6.82 -9.33 -1.36
CA ILE A 314 7.83 -8.35 -1.78
C ILE A 314 8.65 -9.09 -2.81
N TYR A 315 9.62 -8.42 -3.44
CA TYR A 315 10.35 -9.02 -4.54
C TYR A 315 11.84 -8.78 -4.38
N LEU A 316 12.62 -9.87 -4.42
CA LEU A 316 14.04 -9.77 -4.12
C LEU A 316 14.75 -9.10 -5.30
N GLY A 317 15.58 -8.11 -5.00
CA GLY A 317 16.23 -7.33 -6.03
C GLY A 317 15.22 -6.50 -6.81
N GLY A 318 13.97 -6.50 -6.36
CA GLY A 318 12.95 -5.89 -7.15
C GLY A 318 12.60 -6.61 -8.44
N GLU A 319 12.96 -7.87 -8.59
CA GLU A 319 12.68 -8.61 -9.81
C GLU A 319 11.33 -9.28 -9.67
N VAL A 320 10.49 -9.14 -10.70
CA VAL A 320 9.14 -9.69 -10.63
C VAL A 320 9.15 -11.23 -10.61
N TYR A 321 10.23 -11.88 -11.02
CA TYR A 321 10.24 -13.34 -10.93
C TYR A 321 10.90 -13.83 -9.63
N GLN A 322 11.11 -12.95 -8.66
CA GLN A 322 11.76 -13.36 -7.40
C GLN A 322 10.92 -12.94 -6.20
N PRO A 323 9.68 -13.44 -6.13
CA PRO A 323 8.84 -13.14 -4.97
C PRO A 323 9.38 -13.72 -3.69
N GLY A 324 9.13 -12.97 -2.60
CA GLY A 324 9.33 -13.40 -1.23
C GLY A 324 8.13 -12.87 -0.48
N PHE A 325 8.11 -12.87 0.85
CA PHE A 325 6.93 -12.32 1.49
C PHE A 325 7.35 -11.52 2.71
N ILE A 326 6.43 -10.69 3.17
CA ILE A 326 6.62 -9.94 4.40
C ILE A 326 5.35 -10.05 5.21
N VAL A 327 5.50 -10.18 6.52
CA VAL A 327 4.40 -10.17 7.45
C VAL A 327 4.73 -9.12 8.48
N VAL A 328 3.96 -8.04 8.51
CA VAL A 328 4.09 -7.00 9.53
C VAL A 328 3.07 -7.34 10.61
N LYS A 329 3.50 -7.35 11.89
CA LYS A 329 2.59 -7.69 12.98
C LYS A 329 2.66 -6.62 14.05
N PHE A 330 1.51 -6.24 14.60
CA PHE A 330 1.40 -5.17 15.59
C PHE A 330 1.09 -5.72 16.96
N ASN A 331 1.94 -5.38 17.95
CA ASN A 331 1.65 -5.65 19.36
C ASN A 331 1.53 -7.14 19.68
N GLN A 332 2.12 -8.00 18.88
CA GLN A 332 1.99 -9.43 19.13
C GLN A 332 3.16 -9.98 19.95
N GLU A 333 4.14 -9.16 20.27
CA GLU A 333 5.26 -9.59 21.11
C GLU A 333 5.00 -9.30 22.59
N THR A 334 5.57 -10.15 23.45
CA THR A 334 5.61 -9.91 24.90
C THR A 334 7.03 -9.76 25.43
N ASP A 335 8.04 -9.91 24.58
CA ASP A 335 9.43 -9.77 25.00
C ASP A 335 9.67 -8.46 25.72
N ALA A 336 10.48 -8.52 26.76
CA ALA A 336 11.04 -7.33 27.39
C ALA A 336 9.97 -6.44 28.00
N ASN A 337 8.82 -7.03 28.37
CA ASN A 337 7.68 -6.30 28.92
C ASN A 337 7.27 -5.14 28.02
N CYS A 338 7.39 -5.33 26.71
CA CYS A 338 7.13 -4.23 25.78
C CYS A 338 5.69 -3.76 25.91
N ALA A 339 5.49 -2.46 25.77
CA ALA A 339 4.15 -1.90 25.72
C ALA A 339 3.55 -2.00 24.33
N TYR A 340 4.40 -1.93 23.30
CA TYR A 340 3.98 -1.92 21.92
C TYR A 340 5.05 -2.68 21.17
N SER A 341 4.69 -3.18 19.99
CA SER A 341 5.70 -3.83 19.15
C SER A 341 5.30 -3.80 17.68
N ILE A 342 6.31 -3.82 16.82
CA ILE A 342 6.15 -3.98 15.39
C ILE A 342 7.14 -5.03 14.99
N THR A 343 6.65 -6.14 14.47
CA THR A 343 7.45 -7.28 14.07
C THR A 343 7.38 -7.41 12.55
N PHE A 344 8.52 -7.59 11.91
CA PHE A 344 8.56 -7.94 10.50
C PHE A 344 9.02 -9.38 10.37
N ASP A 345 8.16 -10.24 9.82
CA ASP A 345 8.57 -11.58 9.41
C ASP A 345 8.85 -11.53 7.92
N PHE A 346 10.06 -11.88 7.53
CA PHE A 346 10.45 -11.93 6.12
C PHE A 346 10.66 -13.40 5.76
N GLY A 347 10.31 -13.77 4.53
CA GLY A 347 10.61 -15.13 4.11
C GLY A 347 10.38 -15.29 2.62
N TRP A 348 10.31 -16.56 2.18
CA TRP A 348 9.98 -16.81 0.78
C TRP A 348 9.47 -18.24 0.66
N GLY A 349 8.76 -18.51 -0.45
CA GLY A 349 8.29 -19.88 -0.69
C GLY A 349 8.67 -20.46 -2.04
N LYS A 350 8.84 -19.60 -3.05
CA LYS A 350 9.21 -20.08 -4.37
C LYS A 350 10.53 -20.85 -4.32
N VAL A 351 10.64 -21.87 -5.16
CA VAL A 351 11.84 -22.70 -5.19
C VAL A 351 12.90 -22.00 -6.03
N TYR A 352 14.06 -21.69 -5.40
CA TYR A 352 15.18 -21.05 -6.06
C TYR A 352 16.37 -21.99 -6.12
N LYS A 353 16.88 -22.24 -7.32
CA LYS A 353 18.10 -23.02 -7.52
C LYS A 353 19.33 -22.11 -7.37
N ASP A 354 19.38 -21.06 -8.17
CA ASP A 354 20.50 -20.14 -8.14
C ASP A 354 20.35 -19.20 -6.97
N PRO A 355 21.36 -19.04 -6.14
CA PRO A 355 21.22 -18.26 -4.91
C PRO A 355 21.06 -16.78 -5.22
N ILE A 356 20.22 -16.10 -4.45
CA ILE A 356 19.99 -14.69 -4.72
C ILE A 356 19.99 -13.91 -3.41
N PRO A 357 20.47 -12.67 -3.47
CA PRO A 357 20.56 -11.85 -2.24
C PRO A 357 19.18 -11.58 -1.66
N TYR A 358 19.08 -11.65 -0.33
CA TYR A 358 17.82 -11.29 0.32
C TYR A 358 17.81 -9.78 0.48
N ASP A 359 17.27 -9.10 -0.51
CA ASP A 359 17.37 -7.66 -0.73
C ASP A 359 15.98 -7.23 -1.22
N THR A 360 15.12 -6.76 -0.31
CA THR A 360 13.69 -6.69 -0.67
C THR A 360 13.34 -5.37 -1.37
N SER A 361 12.36 -5.47 -2.27
CA SER A 361 11.68 -4.26 -2.70
C SER A 361 11.03 -3.56 -1.50
N SER A 362 10.74 -2.27 -1.67
CA SER A 362 10.11 -1.50 -0.61
C SER A 362 8.62 -1.79 -0.52
N PHE A 363 8.09 -1.78 0.70
CA PHE A 363 6.71 -2.15 0.94
C PHE A 363 6.00 -1.06 1.73
N THR A 364 4.89 -0.56 1.21
CA THR A 364 4.11 0.48 1.86
C THR A 364 3.00 -0.14 2.72
N PHE A 365 2.74 0.44 3.87
CA PHE A 365 1.60 -0.02 4.65
C PHE A 365 1.20 1.11 5.59
N SER A 366 0.04 0.95 6.23
CA SER A 366 -0.44 1.92 7.22
C SER A 366 -1.09 1.15 8.35
N TYR A 367 -1.24 1.81 9.51
CA TYR A 367 -1.87 1.17 10.66
C TYR A 367 -2.45 2.26 11.57
N ILE A 368 -3.39 1.85 12.40
CA ILE A 368 -4.06 2.77 13.31
C ILE A 368 -3.13 3.09 14.49
N ALA A 369 -2.91 4.37 14.72
CA ALA A 369 -1.99 4.83 15.75
C ALA A 369 -2.63 4.81 17.12
N GLN A 370 -1.79 4.67 18.16
CA GLN A 370 -2.25 4.67 19.54
C GLN A 370 -2.94 5.97 19.91
N GLU A 371 -2.41 7.10 19.46
CA GLU A 371 -3.05 8.39 19.70
C GLU A 371 -2.62 9.40 18.64
N ASP B 179 3.31 18.83 4.13
CA ASP B 179 2.84 19.96 3.31
C ASP B 179 1.38 19.78 2.94
N THR B 180 0.94 18.52 2.83
CA THR B 180 -0.38 18.12 2.38
C THR B 180 -0.75 18.67 1.01
N ARG B 181 0.22 19.22 0.27
CA ARG B 181 -0.02 19.62 -1.11
C ARG B 181 0.04 18.40 -2.02
N THR B 182 -0.56 18.57 -3.21
CA THR B 182 -0.67 17.50 -4.19
C THR B 182 -0.12 17.96 -5.52
N LEU B 183 0.73 17.12 -6.11
CA LEU B 183 1.26 17.29 -7.45
C LEU B 183 0.68 16.13 -8.27
N TRP B 184 0.06 16.45 -9.42
CA TRP B 184 -0.64 15.37 -10.12
C TRP B 184 -0.85 15.69 -11.60
N THR B 185 -1.38 14.68 -12.31
CA THR B 185 -1.73 14.74 -13.72
C THR B 185 -3.08 15.40 -13.98
N THR B 186 -3.78 15.82 -12.92
CA THR B 186 -5.22 16.10 -12.82
C THR B 186 -5.90 14.73 -12.71
N PRO B 187 -7.06 14.66 -12.05
CA PRO B 187 -7.68 13.36 -11.79
C PRO B 187 -8.35 12.71 -13.01
N ASP B 188 -8.59 13.45 -14.08
CA ASP B 188 -9.26 12.90 -15.27
C ASP B 188 -8.50 13.35 -16.52
N PRO B 189 -7.23 12.95 -16.67
CA PRO B 189 -6.42 13.52 -17.75
C PRO B 189 -6.89 13.11 -19.13
N SER B 190 -6.67 13.99 -20.11
CA SER B 190 -6.68 13.60 -21.51
C SER B 190 -5.44 12.73 -21.77
N PRO B 191 -5.36 12.05 -22.92
CA PRO B 191 -4.14 11.24 -23.16
C PRO B 191 -2.88 12.10 -23.00
N ASN B 192 -1.96 11.63 -22.15
CA ASN B 192 -0.87 12.45 -21.64
C ASN B 192 0.45 11.71 -21.53
N CYS B 193 0.57 10.51 -22.11
CA CYS B 193 1.70 9.66 -21.76
C CYS B 193 2.05 8.73 -22.90
N LYS B 194 3.36 8.50 -23.08
CA LYS B 194 3.88 7.69 -24.17
C LYS B 194 4.20 6.29 -23.66
N VAL B 195 3.53 5.28 -24.20
CA VAL B 195 3.89 3.90 -23.93
C VAL B 195 4.66 3.42 -25.15
N GLU B 196 4.01 3.46 -26.30
CA GLU B 196 4.65 3.18 -27.58
C GLU B 196 4.83 4.44 -28.40
N THR B 197 3.79 5.28 -28.49
CA THR B 197 3.88 6.55 -29.21
C THR B 197 3.31 7.66 -28.35
N ALA B 198 3.54 8.91 -28.73
CA ALA B 198 3.18 10.01 -27.85
C ALA B 198 1.67 10.00 -27.60
N ARG B 199 1.31 10.26 -26.34
CA ARG B 199 -0.10 10.42 -25.95
C ARG B 199 -0.93 9.21 -26.34
N ASP B 200 -0.35 8.01 -26.27
CA ASP B 200 -1.16 6.83 -26.55
C ASP B 200 -1.80 6.25 -25.29
N SER B 201 -1.65 6.91 -24.14
N SER B 201 -1.66 6.93 -24.15
CA SER B 201 -2.23 6.41 -22.92
CA SER B 201 -2.17 6.41 -22.90
C SER B 201 -2.55 7.57 -21.99
C SER B 201 -2.55 7.57 -21.99
N LYS B 202 -3.33 7.26 -20.95
CA LYS B 202 -3.72 8.20 -19.93
C LYS B 202 -3.13 7.70 -18.62
N LEU B 203 -2.14 8.39 -18.12
CA LEU B 203 -1.53 8.07 -16.84
C LEU B 203 -2.15 9.02 -15.81
N THR B 204 -2.83 8.46 -14.82
CA THR B 204 -3.35 9.24 -13.71
C THR B 204 -2.43 9.03 -12.53
N LEU B 205 -1.81 10.10 -12.05
CA LEU B 205 -0.83 9.97 -10.99
C LEU B 205 -1.02 11.13 -10.05
N ALA B 206 -1.20 10.84 -8.76
CA ALA B 206 -1.31 11.90 -7.75
C ALA B 206 -0.31 11.62 -6.65
N LEU B 207 0.51 12.63 -6.32
CA LEU B 207 1.52 12.58 -5.28
C LEU B 207 1.12 13.59 -4.21
N THR B 208 0.88 13.11 -3.00
CA THR B 208 0.46 13.98 -1.90
C THR B 208 1.53 13.95 -0.82
N LYS B 209 1.97 15.13 -0.37
CA LYS B 209 3.09 15.20 0.56
C LYS B 209 2.58 15.07 1.99
N CYS B 210 3.04 14.04 2.70
CA CYS B 210 2.74 13.79 4.10
C CYS B 210 4.05 13.95 4.85
N GLY B 211 4.40 15.19 5.18
CA GLY B 211 5.71 15.43 5.75
C GLY B 211 6.75 14.98 4.76
N SER B 212 7.72 14.19 5.22
CA SER B 212 8.79 13.69 4.36
C SER B 212 8.52 12.27 3.83
N GLN B 213 7.26 11.88 3.71
CA GLN B 213 6.87 10.75 2.90
C GLN B 213 5.82 11.22 1.91
N ILE B 214 5.90 10.73 0.69
CA ILE B 214 4.91 11.02 -0.34
C ILE B 214 3.94 9.85 -0.37
N LEU B 215 2.65 10.14 -0.39
CA LEU B 215 1.61 9.14 -0.63
C LEU B 215 1.17 9.25 -2.08
N ALA B 216 1.23 8.13 -2.83
CA ALA B 216 0.95 8.18 -4.27
C ALA B 216 -0.15 7.19 -4.67
N THR B 217 -0.89 7.53 -5.71
CA THR B 217 -1.82 6.60 -6.35
C THR B 217 -1.65 6.72 -7.85
N VAL B 218 -1.57 5.58 -8.54
CA VAL B 218 -1.27 5.58 -9.97
C VAL B 218 -2.20 4.57 -10.66
N SER B 219 -2.59 4.90 -11.88
CA SER B 219 -3.32 3.96 -12.73
CA SER B 219 -3.35 3.99 -12.73
C SER B 219 -3.03 4.33 -14.18
N LEU B 220 -3.10 3.33 -15.05
CA LEU B 220 -2.73 3.51 -16.46
C LEU B 220 -3.82 2.96 -17.38
N LEU B 221 -4.29 3.78 -18.32
CA LEU B 221 -5.20 3.28 -19.36
C LEU B 221 -4.53 3.55 -20.71
N VAL B 222 -4.15 2.50 -21.42
CA VAL B 222 -3.57 2.69 -22.74
C VAL B 222 -4.73 2.81 -23.72
N VAL B 223 -4.74 3.87 -24.54
CA VAL B 223 -5.94 4.12 -25.33
C VAL B 223 -5.77 3.72 -26.80
N THR B 224 -4.53 3.75 -27.32
N THR B 224 -4.54 3.71 -27.31
CA THR B 224 -4.29 3.41 -28.72
CA THR B 224 -4.33 3.33 -28.71
C THR B 224 -2.97 2.67 -28.84
C THR B 224 -2.96 2.69 -28.85
N GLY B 225 -2.75 2.07 -30.01
CA GLY B 225 -1.48 1.46 -30.29
C GLY B 225 -1.34 0.02 -29.77
N LYS B 226 -0.10 -0.44 -29.80
CA LYS B 226 0.16 -1.88 -29.60
C LYS B 226 -0.33 -2.36 -28.23
N TYR B 227 -0.39 -1.50 -27.22
CA TYR B 227 -0.69 -1.96 -25.87
C TYR B 227 -2.10 -1.62 -25.42
N ALA B 228 -2.94 -1.06 -26.30
CA ALA B 228 -4.31 -0.76 -25.89
C ALA B 228 -5.10 -2.05 -25.64
N ILE B 229 -4.88 -3.07 -26.45
CA ILE B 229 -5.60 -4.34 -26.36
C ILE B 229 -4.53 -5.40 -26.42
N ILE B 230 -4.30 -6.11 -25.32
CA ILE B 230 -3.20 -7.05 -25.26
C ILE B 230 -3.72 -8.48 -25.29
N SER B 231 -2.84 -9.35 -25.75
CA SER B 231 -3.08 -10.78 -25.71
C SER B 231 -1.73 -11.45 -25.69
N ASP B 232 -1.73 -12.79 -25.63
CA ASP B 232 -0.47 -13.49 -25.55
C ASP B 232 0.43 -13.26 -26.76
N THR B 233 -0.11 -12.73 -27.86
CA THR B 233 0.72 -12.60 -29.05
C THR B 233 1.53 -11.31 -29.07
N VAL B 234 1.22 -10.36 -28.19
CA VAL B 234 1.93 -9.08 -28.11
C VAL B 234 3.26 -9.28 -27.38
N ASN B 235 4.34 -8.76 -27.98
CA ASN B 235 5.65 -8.72 -27.31
C ASN B 235 6.35 -7.39 -27.53
N PRO B 236 7.17 -6.96 -26.57
CA PRO B 236 7.38 -7.62 -25.27
C PRO B 236 6.23 -7.34 -24.33
N LYS B 237 6.17 -8.08 -23.24
CA LYS B 237 5.04 -7.97 -22.31
C LYS B 237 5.38 -7.08 -21.13
N GLN B 238 6.14 -6.02 -21.39
CA GLN B 238 6.55 -5.06 -20.38
C GLN B 238 6.96 -3.76 -21.11
N PHE B 239 6.65 -2.61 -20.51
CA PHE B 239 7.08 -1.34 -21.07
C PHE B 239 7.33 -0.38 -19.93
N SER B 240 8.00 0.73 -20.26
CA SER B 240 8.56 1.64 -19.27
C SER B 240 8.07 3.07 -19.49
N ILE B 241 7.66 3.72 -18.40
CA ILE B 241 7.21 5.09 -18.38
C ILE B 241 8.09 5.85 -17.40
N LYS B 242 8.95 6.74 -17.92
CA LYS B 242 9.91 7.48 -17.12
C LYS B 242 9.42 8.89 -16.84
N LEU B 243 9.40 9.29 -15.56
CA LEU B 243 9.27 10.69 -15.16
C LEU B 243 10.65 11.15 -14.67
N LEU B 244 11.24 12.08 -15.41
CA LEU B 244 12.60 12.54 -15.20
C LEU B 244 12.53 13.98 -14.72
N PHE B 245 13.24 14.28 -13.63
CA PHE B 245 13.17 15.61 -13.03
C PHE B 245 14.54 16.25 -12.94
N ASN B 246 14.57 17.59 -13.05
CA ASN B 246 15.81 18.33 -12.80
C ASN B 246 15.95 18.60 -11.31
N ASP B 247 16.99 19.37 -10.94
CA ASP B 247 17.21 19.53 -9.51
C ASP B 247 16.21 20.47 -8.85
N LYS B 248 15.32 21.11 -9.60
CA LYS B 248 14.21 21.79 -8.96
C LYS B 248 12.96 20.90 -8.82
N GLY B 249 13.04 19.64 -9.24
CA GLY B 249 11.85 18.78 -9.24
C GLY B 249 10.91 19.04 -10.40
N VAL B 250 11.37 19.72 -11.45
CA VAL B 250 10.57 20.04 -12.63
C VAL B 250 10.73 18.93 -13.66
N LEU B 251 9.63 18.54 -14.29
CA LEU B 251 9.61 17.40 -15.21
C LEU B 251 10.35 17.73 -16.51
N LEU B 252 11.30 16.88 -16.89
CA LEU B 252 12.03 17.14 -18.13
C LEU B 252 11.24 16.64 -19.33
N SER B 253 11.45 17.28 -20.49
CA SER B 253 10.63 16.92 -21.64
C SER B 253 11.02 15.58 -22.26
N ASP B 254 12.12 14.97 -21.82
CA ASP B 254 12.43 13.61 -22.25
C ASP B 254 11.57 12.58 -21.55
N SER B 255 10.79 12.98 -20.54
CA SER B 255 9.91 12.04 -19.86
C SER B 255 8.86 11.49 -20.82
N ASN B 256 8.40 10.26 -20.52
CA ASN B 256 7.25 9.71 -21.24
C ASN B 256 5.97 10.49 -20.95
N LEU B 257 5.87 11.06 -19.76
CA LEU B 257 4.70 11.83 -19.38
C LEU B 257 4.81 13.24 -19.93
N ASP B 258 3.74 13.68 -20.57
CA ASP B 258 3.63 15.03 -21.08
C ASP B 258 3.49 16.01 -19.90
N GLY B 259 4.32 17.04 -19.88
CA GLY B 259 4.25 17.92 -18.72
C GLY B 259 3.19 19.00 -18.72
N THR B 260 2.33 19.07 -19.74
CA THR B 260 1.47 20.23 -19.91
C THR B 260 0.53 20.42 -18.73
N TYR B 261 -0.05 19.33 -18.21
CA TYR B 261 -0.98 19.42 -17.07
C TYR B 261 -0.46 18.69 -15.84
N TRP B 262 0.85 18.43 -15.78
CA TRP B 262 1.51 17.99 -14.55
C TRP B 262 1.81 19.19 -13.66
N ASN B 263 1.09 19.32 -12.55
CA ASN B 263 1.16 20.57 -11.81
C ASN B 263 0.52 20.36 -10.44
N TYR B 264 0.70 21.33 -9.57
CA TYR B 264 0.06 21.32 -8.26
C TYR B 264 -1.45 21.43 -8.40
N ARG B 265 -2.17 20.73 -7.54
CA ARG B 265 -3.61 20.89 -7.46
C ARG B 265 -3.93 22.32 -7.03
N SER B 266 -4.91 22.93 -7.71
CA SER B 266 -5.31 24.29 -7.38
C SER B 266 -6.68 24.62 -7.95
N GLY B 272 -2.72 28.15 -16.70
CA GLY B 272 -2.13 27.10 -15.88
C GLY B 272 -0.63 27.19 -15.74
N THR B 273 -0.18 28.14 -14.93
CA THR B 273 1.25 28.47 -14.88
C THR B 273 2.08 27.32 -14.32
N PRO B 274 3.13 26.90 -15.05
CA PRO B 274 3.92 25.73 -14.63
C PRO B 274 4.65 25.99 -13.32
N TYR B 275 4.77 24.95 -12.48
CA TYR B 275 5.43 25.20 -11.21
C TYR B 275 6.93 25.37 -11.40
N LYS B 276 7.55 26.07 -10.45
CA LYS B 276 8.98 26.31 -10.49
C LYS B 276 9.78 25.34 -9.63
N GLU B 277 9.19 24.75 -8.60
CA GLU B 277 9.97 23.95 -7.65
C GLU B 277 9.07 22.88 -7.05
N ALA B 278 9.60 21.66 -6.92
CA ALA B 278 8.88 20.58 -6.24
C ALA B 278 9.87 19.57 -5.66
N VAL B 279 10.98 20.08 -5.12
CA VAL B 279 11.97 19.18 -4.51
C VAL B 279 11.35 18.38 -3.37
N GLY B 280 10.36 18.95 -2.69
CA GLY B 280 9.70 18.23 -1.62
C GLY B 280 8.95 16.97 -2.05
N PHE B 281 8.70 16.81 -3.34
CA PHE B 281 8.02 15.64 -3.86
C PHE B 281 8.96 14.66 -4.54
N MET B 282 10.27 14.95 -4.59
CA MET B 282 11.21 14.06 -5.26
C MET B 282 11.62 12.92 -4.34
N PRO B 283 11.90 11.73 -4.88
CA PRO B 283 12.39 10.63 -4.04
C PRO B 283 13.78 10.98 -3.55
N SER B 284 13.98 10.86 -2.24
CA SER B 284 15.27 11.10 -1.62
C SER B 284 16.43 10.42 -2.35
N THR B 285 17.48 11.19 -2.61
CA THR B 285 18.67 10.57 -3.19
C THR B 285 19.57 9.95 -2.12
N THR B 286 19.25 10.16 -0.84
CA THR B 286 19.90 9.45 0.24
C THR B 286 19.24 8.09 0.45
N ALA B 287 17.91 8.05 0.54
CA ALA B 287 17.26 6.75 0.66
C ALA B 287 17.36 5.95 -0.64
N TYR B 288 17.30 6.61 -1.80
CA TYR B 288 17.32 5.93 -3.09
C TYR B 288 18.40 6.54 -3.98
N PRO B 289 19.67 6.22 -3.73
CA PRO B 289 20.73 6.78 -4.57
C PRO B 289 20.71 6.24 -6.00
N LYS B 290 21.15 7.10 -6.92
CA LYS B 290 21.40 6.64 -8.27
C LYS B 290 22.47 5.55 -8.24
N PRO B 291 22.42 4.60 -9.17
CA PRO B 291 23.34 3.44 -9.13
C PRO B 291 24.78 3.76 -9.61
N ASP B 298 33.51 -6.15 0.58
CA ASP B 298 33.13 -5.85 1.96
C ASP B 298 31.62 -5.86 2.18
N PRO B 299 31.14 -6.88 2.89
CA PRO B 299 29.68 -7.02 3.08
C PRO B 299 29.04 -5.83 3.77
N ASP B 300 29.77 -5.14 4.65
CA ASP B 300 29.20 -4.01 5.36
C ASP B 300 28.86 -2.86 4.43
N LYS B 301 29.53 -2.77 3.28
CA LYS B 301 29.32 -1.67 2.35
C LYS B 301 28.39 -2.05 1.17
N LYS B 302 27.76 -3.22 1.20
CA LYS B 302 26.85 -3.57 0.11
C LYS B 302 25.68 -2.58 0.05
N VAL B 303 25.28 -2.23 -1.17
CA VAL B 303 24.19 -1.29 -1.38
C VAL B 303 22.93 -2.06 -1.82
N SER B 304 21.77 -1.64 -1.32
CA SER B 304 20.53 -2.34 -1.64
C SER B 304 20.08 -2.01 -3.06
N GLN B 305 19.86 -3.05 -3.86
CA GLN B 305 19.21 -2.91 -5.16
C GLN B 305 17.69 -3.01 -5.06
N GLY B 306 17.15 -3.69 -4.04
CA GLY B 306 15.71 -3.80 -3.93
C GLY B 306 15.04 -2.52 -3.46
N LYS B 307 15.71 -1.74 -2.62
CA LYS B 307 14.95 -0.75 -1.86
C LYS B 307 14.42 0.36 -2.76
N ASN B 308 15.09 0.64 -3.86
CA ASN B 308 14.55 1.71 -4.72
C ASN B 308 13.44 1.22 -5.63
N LYS B 309 12.92 0.01 -5.44
CA LYS B 309 11.82 -0.46 -6.26
C LYS B 309 10.66 -0.88 -5.38
N ILE B 310 9.46 -0.70 -5.90
CA ILE B 310 8.22 -1.21 -5.31
C ILE B 310 7.59 -2.07 -6.38
N VAL B 311 7.29 -3.33 -6.06
CA VAL B 311 6.81 -4.29 -7.05
C VAL B 311 5.52 -4.90 -6.54
N SER B 312 4.50 -4.89 -7.40
CA SER B 312 3.26 -5.55 -7.00
C SER B 312 2.43 -5.97 -8.23
N ASN B 313 1.38 -6.74 -7.94
CA ASN B 313 0.37 -7.01 -8.96
C ASN B 313 -0.59 -5.83 -9.07
N ILE B 314 -1.00 -5.54 -10.32
CA ILE B 314 -2.20 -4.79 -10.60
C ILE B 314 -3.09 -5.70 -11.45
N TYR B 315 -4.35 -5.28 -11.65
CA TYR B 315 -5.35 -6.16 -12.24
C TYR B 315 -6.09 -5.42 -13.36
N LEU B 316 -6.01 -5.96 -14.57
CA LEU B 316 -6.60 -5.26 -15.69
C LEU B 316 -8.12 -5.29 -15.63
N GLY B 317 -8.74 -4.14 -15.89
CA GLY B 317 -10.15 -3.98 -15.66
C GLY B 317 -10.60 -4.19 -14.23
N GLY B 318 -9.66 -4.24 -13.28
CA GLY B 318 -10.02 -4.55 -11.91
C GLY B 318 -10.52 -5.97 -11.66
N GLU B 319 -10.26 -6.90 -12.58
CA GLU B 319 -10.76 -8.28 -12.46
C GLU B 319 -9.69 -9.14 -11.81
N VAL B 320 -10.08 -9.95 -10.82
CA VAL B 320 -9.08 -10.69 -10.05
C VAL B 320 -8.40 -11.77 -10.87
N TYR B 321 -8.98 -12.16 -12.00
CA TYR B 321 -8.40 -13.17 -12.87
C TYR B 321 -7.60 -12.58 -14.01
N GLN B 322 -7.34 -11.25 -14.00
CA GLN B 322 -6.49 -10.61 -15.01
C GLN B 322 -5.31 -9.86 -14.38
N PRO B 323 -4.40 -10.58 -13.71
CA PRO B 323 -3.26 -9.90 -13.08
C PRO B 323 -2.30 -9.34 -14.12
N GLY B 324 -1.75 -8.17 -13.83
CA GLY B 324 -0.51 -7.78 -14.49
C GLY B 324 0.46 -7.37 -13.42
N PHE B 325 1.52 -6.62 -13.75
CA PHE B 325 2.37 -6.17 -12.66
C PHE B 325 2.77 -4.72 -12.87
N ILE B 326 3.21 -4.11 -11.78
CA ILE B 326 3.77 -2.78 -11.81
C ILE B 326 5.08 -2.80 -11.04
N VAL B 327 6.08 -2.08 -11.56
CA VAL B 327 7.32 -1.83 -10.84
C VAL B 327 7.50 -0.30 -10.80
N VAL B 328 7.55 0.27 -9.59
CA VAL B 328 7.90 1.68 -9.39
C VAL B 328 9.37 1.73 -8.99
N LYS B 329 10.18 2.50 -9.72
CA LYS B 329 11.62 2.63 -9.48
C LYS B 329 11.96 4.09 -9.17
N PHE B 330 12.74 4.30 -8.12
CA PHE B 330 13.14 5.64 -7.71
C PHE B 330 14.58 5.90 -8.06
N ASN B 331 14.80 6.95 -8.83
CA ASN B 331 16.12 7.52 -9.09
C ASN B 331 17.02 6.57 -9.85
N GLN B 332 16.46 5.61 -10.58
CA GLN B 332 17.31 4.68 -11.31
C GLN B 332 17.61 5.13 -12.74
N GLU B 333 17.02 6.20 -13.22
CA GLU B 333 17.34 6.67 -14.56
C GLU B 333 18.55 7.58 -14.56
N THR B 334 19.24 7.59 -15.69
CA THR B 334 20.36 8.49 -15.94
C THR B 334 20.09 9.41 -17.13
N ASP B 335 18.92 9.28 -17.77
CA ASP B 335 18.63 9.98 -19.01
C ASP B 335 18.45 11.48 -18.77
N ALA B 336 18.91 12.27 -19.74
CA ALA B 336 18.72 13.72 -19.75
C ALA B 336 19.35 14.40 -18.54
N ASN B 337 20.43 13.81 -18.01
CA ASN B 337 21.12 14.30 -16.81
C ASN B 337 20.13 14.62 -15.71
N CYS B 338 19.20 13.70 -15.49
CA CYS B 338 18.13 13.94 -14.53
C CYS B 338 18.73 13.92 -13.13
N ALA B 339 18.21 14.78 -12.26
CA ALA B 339 18.59 14.74 -10.86
C ALA B 339 17.73 13.77 -10.05
N TYR B 340 16.48 13.57 -10.45
CA TYR B 340 15.58 12.62 -9.82
C TYR B 340 14.79 11.90 -10.89
N SER B 341 14.27 10.73 -10.53
CA SER B 341 13.40 10.06 -11.49
C SER B 341 12.42 9.15 -10.78
N ILE B 342 11.25 9.02 -11.38
CA ILE B 342 10.27 8.02 -10.98
C ILE B 342 9.92 7.25 -12.23
N THR B 343 10.13 5.93 -12.22
CA THR B 343 9.88 5.09 -13.39
C THR B 343 8.77 4.10 -13.07
N PHE B 344 7.80 3.94 -13.99
CA PHE B 344 6.76 2.92 -13.86
C PHE B 344 6.97 1.90 -14.96
N ASP B 345 7.35 0.67 -14.57
CA ASP B 345 7.36 -0.45 -15.50
C ASP B 345 6.02 -1.20 -15.37
N PHE B 346 5.34 -1.38 -16.47
CA PHE B 346 4.10 -2.13 -16.48
C PHE B 346 4.26 -3.37 -17.34
N GLY B 347 3.57 -4.43 -16.95
CA GLY B 347 3.62 -5.62 -17.80
C GLY B 347 2.61 -6.66 -17.36
N TRP B 348 2.75 -7.86 -17.92
CA TRP B 348 1.95 -9.01 -17.51
C TRP B 348 2.68 -10.31 -17.84
N GLY B 349 2.30 -11.37 -17.15
CA GLY B 349 2.90 -12.67 -17.38
C GLY B 349 1.89 -13.73 -17.74
N LYS B 350 0.65 -13.59 -17.27
CA LYS B 350 -0.39 -14.59 -17.51
C LYS B 350 -0.75 -14.64 -19.00
N VAL B 351 -1.14 -15.83 -19.48
CA VAL B 351 -1.54 -16.01 -20.86
C VAL B 351 -2.98 -15.53 -21.05
N TYR B 352 -3.19 -14.61 -21.99
CA TYR B 352 -4.52 -14.08 -22.30
C TYR B 352 -4.80 -14.38 -23.77
N LYS B 353 -5.58 -15.42 -24.05
CA LYS B 353 -5.90 -15.71 -25.45
C LYS B 353 -7.05 -14.82 -25.92
N ASP B 354 -8.03 -14.57 -25.07
CA ASP B 354 -9.04 -13.58 -25.37
C ASP B 354 -8.48 -12.21 -25.02
N PRO B 355 -8.41 -11.29 -25.96
CA PRO B 355 -7.68 -10.04 -25.70
C PRO B 355 -8.39 -9.18 -24.67
N ILE B 356 -7.62 -8.38 -23.93
CA ILE B 356 -8.20 -7.49 -22.92
C ILE B 356 -7.49 -6.13 -22.93
N PRO B 357 -8.21 -5.06 -22.60
CA PRO B 357 -7.57 -3.73 -22.58
C PRO B 357 -6.53 -3.66 -21.49
N TYR B 358 -5.40 -3.02 -21.77
CA TYR B 358 -4.43 -2.75 -20.70
C TYR B 358 -4.91 -1.53 -19.91
N ASP B 359 -5.65 -1.80 -18.85
CA ASP B 359 -6.49 -0.82 -18.14
C ASP B 359 -6.36 -1.14 -16.65
N THR B 360 -5.41 -0.49 -15.96
CA THR B 360 -4.99 -1.04 -14.67
C THR B 360 -5.93 -0.59 -13.57
N SER B 361 -6.11 -1.47 -12.58
CA SER B 361 -6.62 -1.01 -11.30
C SER B 361 -5.68 0.04 -10.69
N SER B 362 -6.16 0.79 -9.69
CA SER B 362 -5.32 1.81 -9.06
C SER B 362 -4.34 1.16 -8.07
N PHE B 363 -3.14 1.73 -8.00
CA PHE B 363 -2.09 1.19 -7.14
C PHE B 363 -1.57 2.27 -6.18
N THR B 364 -1.58 1.98 -4.88
CA THR B 364 -1.10 2.90 -3.86
C THR B 364 0.35 2.56 -3.47
N PHE B 365 1.18 3.58 -3.28
CA PHE B 365 2.52 3.37 -2.78
C PHE B 365 2.98 4.64 -2.07
N SER B 366 4.09 4.52 -1.35
N SER B 366 4.10 4.53 -1.36
CA SER B 366 4.67 5.68 -0.69
CA SER B 366 4.68 5.68 -0.72
C SER B 366 6.18 5.59 -0.84
C SER B 366 6.19 5.58 -0.80
N TYR B 367 6.85 6.72 -0.59
CA TYR B 367 8.31 6.75 -0.65
C TYR B 367 8.82 7.92 0.16
N ILE B 368 10.07 7.83 0.53
CA ILE B 368 10.76 8.83 1.33
C ILE B 368 11.10 10.02 0.45
N ALA B 369 10.70 11.21 0.89
CA ALA B 369 10.89 12.42 0.12
C ALA B 369 12.29 13.01 0.32
N GLN B 370 12.77 13.71 -0.71
CA GLN B 370 14.08 14.34 -0.65
C GLN B 370 14.19 15.30 0.53
N GLU B 371 13.14 16.07 0.77
CA GLU B 371 13.12 17.02 1.89
C GLU B 371 11.69 17.17 2.41
N THR C 180 -6.50 16.85 8.77
CA THR C 180 -5.96 15.50 8.94
C THR C 180 -6.86 14.64 9.85
N ARG C 181 -8.17 14.81 9.71
CA ARG C 181 -9.17 14.08 10.49
C ARG C 181 -9.35 12.66 9.99
N THR C 182 -9.95 11.82 10.84
CA THR C 182 -10.18 10.42 10.58
C THR C 182 -11.66 10.11 10.75
N LEU C 183 -12.20 9.37 9.80
CA LEU C 183 -13.57 8.87 9.80
C LEU C 183 -13.47 7.36 9.88
N TRP C 184 -14.11 6.75 10.88
CA TRP C 184 -13.90 5.30 11.04
C TRP C 184 -15.09 4.62 11.69
N THR C 185 -14.98 3.28 11.74
CA THR C 185 -15.89 2.38 12.41
C THR C 185 -15.66 2.31 13.90
N THR C 186 -14.67 3.03 14.43
CA THR C 186 -13.99 2.83 15.70
C THR C 186 -13.04 1.65 15.51
N PRO C 187 -11.93 1.62 16.25
CA PRO C 187 -10.87 0.63 16.00
C PRO C 187 -11.16 -0.76 16.53
N ASP C 188 -12.14 -0.93 17.42
CA ASP C 188 -12.50 -2.23 17.97
C ASP C 188 -14.02 -2.38 17.94
N PRO C 189 -14.62 -2.45 16.75
CA PRO C 189 -16.08 -2.37 16.68
C PRO C 189 -16.74 -3.68 17.05
N SER C 190 -17.93 -3.58 17.64
CA SER C 190 -18.78 -4.74 17.80
C SER C 190 -19.25 -5.16 16.40
N PRO C 191 -19.90 -6.31 16.24
CA PRO C 191 -20.40 -6.69 14.90
C PRO C 191 -21.23 -5.57 14.32
N ASN C 192 -20.86 -5.13 13.11
CA ASN C 192 -21.41 -3.88 12.59
C ASN C 192 -21.75 -3.96 11.11
N CYS C 193 -21.70 -5.15 10.50
CA CYS C 193 -21.67 -5.24 9.05
C CYS C 193 -22.40 -6.49 8.59
N LYS C 194 -23.14 -6.35 7.49
CA LYS C 194 -23.88 -7.45 6.90
C LYS C 194 -23.09 -8.06 5.74
N VAL C 195 -22.76 -9.34 5.86
CA VAL C 195 -22.24 -10.11 4.75
C VAL C 195 -23.40 -10.90 4.17
N GLU C 196 -24.01 -11.74 5.01
CA GLU C 196 -25.19 -12.50 4.63
C GLU C 196 -26.42 -12.05 5.40
N THR C 197 -26.28 -11.79 6.70
CA THR C 197 -27.38 -11.29 7.52
C THR C 197 -26.82 -10.16 8.40
N ALA C 198 -27.74 -9.37 8.96
CA ALA C 198 -27.37 -8.15 9.67
C ALA C 198 -26.38 -8.43 10.81
N ARG C 199 -25.32 -7.63 10.86
CA ARG C 199 -24.32 -7.69 11.94
C ARG C 199 -23.74 -9.08 12.11
N ASP C 200 -23.47 -9.76 11.00
CA ASP C 200 -22.81 -11.05 11.06
C ASP C 200 -21.30 -10.95 10.93
N SER C 201 -20.76 -9.74 10.96
CA SER C 201 -19.33 -9.55 10.77
C SER C 201 -18.93 -8.20 11.31
N LYS C 202 -17.63 -8.07 11.56
CA LYS C 202 -16.98 -6.88 12.11
C LYS C 202 -16.10 -6.27 11.02
N LEU C 203 -16.51 -5.13 10.46
CA LEU C 203 -15.67 -4.38 9.54
C LEU C 203 -14.91 -3.32 10.32
N THR C 204 -13.58 -3.32 10.24
CA THR C 204 -12.78 -2.22 10.79
C THR C 204 -12.27 -1.42 9.61
N LEU C 205 -12.63 -0.13 9.57
CA LEU C 205 -12.31 0.72 8.44
C LEU C 205 -11.95 2.09 8.98
N ALA C 206 -10.77 2.59 8.62
CA ALA C 206 -10.34 3.92 9.04
C ALA C 206 -9.94 4.71 7.79
N LEU C 207 -10.55 5.88 7.62
CA LEU C 207 -10.22 6.80 6.53
C LEU C 207 -9.57 8.05 7.13
N THR C 208 -8.37 8.40 6.68
CA THR C 208 -7.70 9.61 7.13
C THR C 208 -7.43 10.52 5.95
N LYS C 209 -7.83 11.78 6.07
CA LYS C 209 -7.65 12.76 4.99
C LYS C 209 -6.22 13.30 5.02
N CYS C 210 -5.51 13.07 3.93
CA CYS C 210 -4.21 13.65 3.66
C CYS C 210 -4.38 14.60 2.47
N GLY C 211 -5.00 15.75 2.73
CA GLY C 211 -5.36 16.67 1.66
C GLY C 211 -6.19 16.01 0.59
N SER C 212 -5.66 15.98 -0.64
CA SER C 212 -6.44 15.51 -1.78
C SER C 212 -6.53 14.00 -1.86
N GLN C 213 -5.86 13.28 -0.99
CA GLN C 213 -5.95 11.83 -0.96
C GLN C 213 -6.42 11.38 0.40
N ILE C 214 -7.17 10.26 0.39
CA ILE C 214 -7.60 9.58 1.60
C ILE C 214 -6.70 8.36 1.77
N LEU C 215 -6.15 8.20 2.97
CA LEU C 215 -5.37 7.00 3.36
C LEU C 215 -6.27 6.08 4.15
N ALA C 216 -6.36 4.82 3.73
CA ALA C 216 -7.33 3.90 4.32
C ALA C 216 -6.67 2.61 4.76
N THR C 217 -7.18 2.03 5.86
CA THR C 217 -6.84 0.68 6.29
C THR C 217 -8.16 -0.06 6.60
N VAL C 218 -8.26 -1.31 6.12
CA VAL C 218 -9.52 -2.06 6.22
C VAL C 218 -9.20 -3.50 6.60
N SER C 219 -10.04 -4.09 7.44
N SER C 219 -10.03 -4.08 7.47
CA SER C 219 -9.96 -5.50 7.75
CA SER C 219 -9.95 -5.49 7.82
C SER C 219 -11.36 -5.99 8.08
C SER C 219 -11.36 -5.98 8.10
N LEU C 220 -11.59 -7.29 7.88
CA LEU C 220 -12.91 -7.88 8.09
C LEU C 220 -12.81 -9.19 8.84
N LEU C 221 -13.65 -9.35 9.86
CA LEU C 221 -13.82 -10.64 10.50
C LEU C 221 -15.29 -11.01 10.37
N VAL C 222 -15.58 -12.09 9.70
CA VAL C 222 -16.94 -12.61 9.67
C VAL C 222 -17.12 -13.51 10.88
N VAL C 223 -18.16 -13.24 11.67
CA VAL C 223 -18.28 -13.91 12.96
C VAL C 223 -19.35 -15.00 12.97
N THR C 224 -20.40 -14.87 12.18
CA THR C 224 -21.40 -15.93 12.10
C THR C 224 -21.87 -16.12 10.67
N GLY C 225 -22.50 -17.26 10.45
CA GLY C 225 -23.20 -17.50 9.21
C GLY C 225 -22.32 -18.19 8.17
N LYS C 226 -22.80 -18.11 6.93
CA LYS C 226 -22.23 -18.90 5.85
C LYS C 226 -20.75 -18.63 5.65
N TYR C 227 -20.34 -17.37 5.77
CA TYR C 227 -18.96 -17.03 5.47
C TYR C 227 -18.11 -16.92 6.73
N ALA C 228 -18.61 -17.34 7.89
CA ALA C 228 -17.75 -17.26 9.07
C ALA C 228 -16.58 -18.21 8.96
N ILE C 229 -16.82 -19.43 8.51
CA ILE C 229 -15.81 -20.47 8.38
C ILE C 229 -15.92 -20.96 6.95
N ILE C 230 -14.90 -20.70 6.13
CA ILE C 230 -15.05 -21.02 4.71
C ILE C 230 -14.22 -22.25 4.33
N SER C 231 -14.56 -22.82 3.18
CA SER C 231 -13.80 -23.92 2.60
C SER C 231 -14.17 -24.04 1.14
N ASP C 232 -13.59 -25.03 0.47
CA ASP C 232 -13.79 -25.14 -0.97
C ASP C 232 -15.24 -25.53 -1.39
N THR C 233 -16.08 -26.02 -0.47
CA THR C 233 -17.48 -26.31 -0.78
C THR C 233 -18.35 -25.07 -0.79
N VAL C 234 -17.88 -23.96 -0.20
CA VAL C 234 -18.67 -22.74 -0.11
C VAL C 234 -18.69 -22.04 -1.47
N ASN C 235 -19.89 -21.65 -1.93
CA ASN C 235 -20.07 -20.88 -3.17
C ASN C 235 -21.23 -19.87 -2.98
N PRO C 236 -21.13 -18.68 -3.57
CA PRO C 236 -19.96 -18.29 -4.32
C PRO C 236 -18.81 -17.88 -3.39
N LYS C 237 -17.62 -17.79 -3.97
CA LYS C 237 -16.42 -17.48 -3.19
C LYS C 237 -16.10 -16.01 -3.23
N GLN C 238 -17.14 -15.19 -3.17
CA GLN C 238 -17.01 -13.75 -3.21
C GLN C 238 -18.29 -13.16 -2.61
N PHE C 239 -18.17 -12.08 -1.85
CA PHE C 239 -19.33 -11.35 -1.36
C PHE C 239 -18.97 -9.87 -1.32
N SER C 240 -20.00 -9.02 -1.21
CA SER C 240 -19.89 -7.57 -1.38
C SER C 240 -20.36 -6.83 -0.14
N ILE C 241 -19.62 -5.79 0.23
CA ILE C 241 -19.95 -4.92 1.34
C ILE C 241 -20.05 -3.50 0.80
N LYS C 242 -21.24 -2.93 0.81
CA LYS C 242 -21.43 -1.62 0.20
C LYS C 242 -21.52 -0.53 1.25
N LEU C 243 -20.76 0.54 1.05
CA LEU C 243 -20.94 1.78 1.81
C LEU C 243 -21.48 2.82 0.82
N LEU C 244 -22.71 3.24 1.04
CA LEU C 244 -23.42 4.15 0.15
C LEU C 244 -23.56 5.50 0.85
N PHE C 245 -23.22 6.57 0.15
CA PHE C 245 -23.24 7.91 0.75
C PHE C 245 -24.12 8.87 -0.05
N ASN C 246 -24.76 9.80 0.65
CA ASN C 246 -25.52 10.85 -0.04
C ASN C 246 -24.58 12.00 -0.39
N ASP C 247 -25.13 13.08 -0.95
CA ASP C 247 -24.27 14.14 -1.47
C ASP C 247 -23.55 14.94 -0.39
N LYS C 248 -23.90 14.73 0.88
CA LYS C 248 -23.14 15.29 1.98
C LYS C 248 -22.14 14.28 2.58
N GLY C 249 -21.99 13.11 1.96
CA GLY C 249 -21.05 12.10 2.44
C GLY C 249 -21.53 11.38 3.67
N VAL C 250 -22.82 11.46 3.98
CA VAL C 250 -23.45 10.74 5.08
C VAL C 250 -23.85 9.37 4.57
N LEU C 251 -23.59 8.36 5.39
CA LEU C 251 -23.83 6.96 5.05
C LEU C 251 -25.32 6.64 5.08
N LEU C 252 -25.82 5.98 4.03
CA LEU C 252 -27.24 5.65 3.92
C LEU C 252 -27.52 4.29 4.57
N SER C 253 -28.73 4.15 5.14
CA SER C 253 -29.08 2.93 5.86
C SER C 253 -29.16 1.70 4.96
N ASP C 254 -29.21 1.87 3.63
CA ASP C 254 -29.11 0.72 2.75
C ASP C 254 -27.73 0.11 2.69
N SER C 255 -26.70 0.77 3.22
CA SER C 255 -25.35 0.20 3.25
C SER C 255 -25.32 -1.12 4.02
N ASN C 256 -24.40 -2.01 3.64
CA ASN C 256 -24.12 -3.19 4.46
C ASN C 256 -23.57 -2.81 5.83
N LEU C 257 -22.83 -1.71 5.92
CA LEU C 257 -22.27 -1.24 7.18
C LEU C 257 -23.32 -0.47 7.97
N ASP C 258 -23.45 -0.79 9.25
CA ASP C 258 -24.35 -0.07 10.15
C ASP C 258 -23.71 1.25 10.57
N GLY C 259 -24.47 2.34 10.48
CA GLY C 259 -23.93 3.66 10.68
C GLY C 259 -23.78 4.12 12.12
N THR C 260 -24.21 3.30 13.08
CA THR C 260 -24.30 3.74 14.47
C THR C 260 -22.98 4.28 14.99
N TYR C 261 -21.87 3.60 14.69
CA TYR C 261 -20.55 3.98 15.17
C TYR C 261 -19.63 4.35 14.02
N TRP C 262 -20.18 4.64 12.85
CA TRP C 262 -19.41 5.20 11.76
C TRP C 262 -19.38 6.73 11.95
N ASN C 263 -18.23 7.26 12.37
CA ASN C 263 -18.17 8.68 12.74
C ASN C 263 -16.72 9.15 12.72
N TYR C 264 -16.55 10.44 12.98
CA TYR C 264 -15.22 10.99 13.17
C TYR C 264 -14.60 10.48 14.48
N ARG C 265 -13.29 10.31 14.48
CA ARG C 265 -12.58 9.88 15.68
C ARG C 265 -12.54 11.02 16.70
N SER C 266 -12.66 10.67 17.98
CA SER C 266 -12.42 11.62 19.07
C SER C 266 -11.20 11.24 19.87
N THR C 273 -22.31 12.65 18.79
CA THR C 273 -23.15 13.32 17.80
C THR C 273 -22.83 12.83 16.37
N PRO C 274 -23.84 12.41 15.59
CA PRO C 274 -23.58 11.95 14.23
C PRO C 274 -23.06 13.09 13.37
N TYR C 275 -22.15 12.76 12.46
CA TYR C 275 -21.54 13.85 11.69
C TYR C 275 -22.50 14.35 10.61
N LYS C 276 -22.33 15.62 10.26
CA LYS C 276 -23.23 16.26 9.31
C LYS C 276 -22.71 16.23 7.88
N GLU C 277 -21.41 16.11 7.70
CA GLU C 277 -20.84 16.27 6.37
C GLU C 277 -19.46 15.61 6.36
N ALA C 278 -19.12 15.00 5.22
CA ALA C 278 -17.84 14.34 5.03
C ALA C 278 -17.48 14.30 3.56
N VAL C 279 -17.92 15.29 2.79
CA VAL C 279 -17.64 15.33 1.35
C VAL C 279 -16.15 15.21 1.11
N GLY C 280 -15.35 15.74 2.03
CA GLY C 280 -13.91 15.61 1.94
C GLY C 280 -13.40 14.18 1.94
N PHE C 281 -14.16 13.23 2.48
CA PHE C 281 -13.75 11.83 2.55
C PHE C 281 -14.33 10.98 1.43
N MET C 282 -15.15 11.56 0.57
CA MET C 282 -15.76 10.80 -0.50
C MET C 282 -14.76 10.58 -1.63
N PRO C 283 -14.87 9.47 -2.34
CA PRO C 283 -14.04 9.28 -3.54
C PRO C 283 -14.51 10.22 -4.66
N SER C 284 -13.54 10.80 -5.35
CA SER C 284 -13.83 11.81 -6.37
C SER C 284 -14.68 11.26 -7.50
N THR C 285 -15.73 12.03 -7.88
CA THR C 285 -16.50 11.62 -9.05
C THR C 285 -15.82 12.03 -10.36
N THR C 286 -14.75 12.81 -10.30
CA THR C 286 -13.97 13.12 -11.48
C THR C 286 -12.92 12.05 -11.75
N ALA C 287 -12.20 11.63 -10.70
CA ALA C 287 -11.27 10.52 -10.83
C ALA C 287 -12.03 9.22 -11.07
N TYR C 288 -13.14 9.03 -10.38
CA TYR C 288 -13.88 7.76 -10.36
C TYR C 288 -15.35 8.06 -10.65
N PRO C 289 -15.70 8.36 -11.90
CA PRO C 289 -17.10 8.70 -12.22
C PRO C 289 -18.04 7.50 -12.06
N LYS C 290 -19.27 7.82 -11.68
CA LYS C 290 -20.36 6.84 -11.73
C LYS C 290 -20.50 6.25 -13.13
N PRO C 291 -20.94 5.00 -13.26
CA PRO C 291 -20.95 4.35 -14.57
C PRO C 291 -21.98 4.97 -15.49
N THR C 292 -21.62 5.08 -16.76
CA THR C 292 -22.45 5.72 -17.78
C THR C 292 -22.75 4.77 -18.94
N ASP C 298 -14.61 8.18 -29.78
CA ASP C 298 -13.19 8.49 -29.77
C ASP C 298 -12.48 7.71 -28.67
N PRO C 299 -11.29 7.18 -28.99
CA PRO C 299 -10.51 6.48 -27.94
C PRO C 299 -10.04 7.40 -26.83
N ASP C 300 -9.84 8.68 -27.11
CA ASP C 300 -9.58 9.65 -26.04
C ASP C 300 -10.75 9.74 -25.05
N LYS C 301 -11.93 9.26 -25.45
CA LYS C 301 -13.11 9.22 -24.59
C LYS C 301 -13.37 7.84 -23.99
N LYS C 302 -12.53 6.85 -24.28
CA LYS C 302 -12.58 5.59 -23.54
C LYS C 302 -12.47 5.89 -22.05
N VAL C 303 -13.40 5.35 -21.27
CA VAL C 303 -13.40 5.51 -19.82
C VAL C 303 -12.78 4.25 -19.22
N SER C 304 -11.88 4.43 -18.24
CA SER C 304 -11.20 3.28 -17.66
C SER C 304 -12.17 2.44 -16.83
N GLN C 305 -12.06 1.13 -17.00
CA GLN C 305 -12.75 0.21 -16.11
C GLN C 305 -11.91 -0.16 -14.90
N GLY C 306 -10.60 0.07 -14.94
CA GLY C 306 -9.77 -0.39 -13.86
C GLY C 306 -9.59 0.66 -12.80
N LYS C 307 -9.60 1.95 -13.20
CA LYS C 307 -9.06 2.98 -12.32
C LYS C 307 -9.88 3.11 -11.05
N ASN C 308 -11.17 2.79 -11.09
CA ASN C 308 -12.03 2.93 -9.92
C ASN C 308 -11.98 1.72 -9.02
N LYS C 309 -11.08 0.76 -9.29
CA LYS C 309 -10.90 -0.42 -8.46
C LYS C 309 -9.47 -0.55 -7.95
N ILE C 310 -9.34 -1.05 -6.72
CA ILE C 310 -8.07 -1.48 -6.16
C ILE C 310 -8.22 -2.95 -5.79
N VAL C 311 -7.28 -3.77 -6.25
CA VAL C 311 -7.38 -5.23 -6.17
C VAL C 311 -6.08 -5.73 -5.58
N SER C 312 -6.17 -6.51 -4.49
CA SER C 312 -4.95 -7.12 -3.96
C SER C 312 -5.29 -8.42 -3.23
N ASN C 313 -4.24 -9.15 -2.84
CA ASN C 313 -4.42 -10.28 -1.95
C ASN C 313 -4.48 -9.78 -0.52
N ILE C 314 -5.35 -10.39 0.28
CA ILE C 314 -5.26 -10.34 1.73
C ILE C 314 -5.02 -11.77 2.18
N TYR C 315 -4.81 -11.99 3.47
CA TYR C 315 -4.40 -13.31 3.90
C TYR C 315 -5.21 -13.68 5.14
N LEU C 316 -5.86 -14.84 5.08
CA LEU C 316 -6.77 -15.21 6.14
C LEU C 316 -5.98 -15.63 7.38
N GLY C 317 -6.35 -15.06 8.53
CA GLY C 317 -5.61 -15.24 9.77
C GLY C 317 -4.20 -14.69 9.70
N GLY C 318 -3.91 -13.89 8.66
CA GLY C 318 -2.56 -13.42 8.38
C GLY C 318 -1.56 -14.51 8.07
N GLU C 319 -2.03 -15.65 7.58
CA GLU C 319 -1.13 -16.75 7.23
C GLU C 319 -0.74 -16.62 5.76
N VAL C 320 0.57 -16.70 5.47
CA VAL C 320 1.03 -16.50 4.10
C VAL C 320 0.49 -17.58 3.17
N TYR C 321 0.10 -18.73 3.70
CA TYR C 321 -0.42 -19.83 2.91
C TYR C 321 -1.96 -19.82 2.82
N GLN C 322 -2.63 -18.75 3.28
CA GLN C 322 -4.10 -18.64 3.17
C GLN C 322 -4.52 -17.35 2.45
N PRO C 323 -4.11 -17.18 1.19
CA PRO C 323 -4.52 -16.00 0.42
C PRO C 323 -6.01 -15.96 0.12
N GLY C 324 -6.58 -14.76 0.25
CA GLY C 324 -7.85 -14.45 -0.37
C GLY C 324 -7.67 -13.17 -1.18
N PHE C 325 -8.77 -12.50 -1.54
CA PHE C 325 -8.60 -11.26 -2.27
C PHE C 325 -9.56 -10.20 -1.76
N ILE C 326 -9.18 -8.95 -2.00
CA ILE C 326 -10.04 -7.79 -1.75
C ILE C 326 -10.12 -7.00 -3.04
N VAL C 327 -11.31 -6.49 -3.34
CA VAL C 327 -11.51 -5.51 -4.40
C VAL C 327 -12.21 -4.32 -3.79
N VAL C 328 -11.58 -3.16 -3.83
CA VAL C 328 -12.20 -1.92 -3.40
C VAL C 328 -12.67 -1.20 -4.65
N LYS C 329 -13.94 -0.79 -4.69
CA LYS C 329 -14.51 -0.08 -5.83
C LYS C 329 -15.08 1.24 -5.39
N PHE C 330 -14.79 2.29 -6.16
CA PHE C 330 -15.26 3.64 -5.86
C PHE C 330 -16.38 4.05 -6.81
N ASN C 331 -17.51 4.45 -6.23
CA ASN C 331 -18.61 5.09 -6.96
C ASN C 331 -19.23 4.17 -8.00
N GLN C 332 -19.16 2.87 -7.80
CA GLN C 332 -19.68 1.93 -8.77
C GLN C 332 -21.13 1.54 -8.50
N GLU C 333 -21.68 1.90 -7.34
CA GLU C 333 -23.04 1.53 -6.96
C GLU C 333 -24.06 2.58 -7.36
N THR C 334 -25.26 2.10 -7.70
CA THR C 334 -26.40 2.97 -7.95
C THR C 334 -27.50 2.82 -6.90
N ASP C 335 -27.33 1.90 -5.94
CA ASP C 335 -28.35 1.65 -4.92
C ASP C 335 -28.65 2.90 -4.11
N ALA C 336 -29.93 3.04 -3.73
CA ALA C 336 -30.39 4.10 -2.84
C ALA C 336 -30.09 5.50 -3.38
N ASN C 337 -29.91 5.63 -4.69
CA ASN C 337 -29.59 6.93 -5.29
C ASN C 337 -28.40 7.58 -4.61
N CYS C 338 -27.38 6.78 -4.29
CA CYS C 338 -26.21 7.30 -3.61
C CYS C 338 -25.49 8.31 -4.50
N ALA C 339 -24.98 9.37 -3.87
CA ALA C 339 -24.05 10.25 -4.56
C ALA C 339 -22.64 9.66 -4.65
N TYR C 340 -22.21 8.90 -3.63
CA TYR C 340 -20.88 8.30 -3.59
C TYR C 340 -20.97 6.88 -3.06
N SER C 341 -19.97 6.05 -3.36
CA SER C 341 -19.96 4.72 -2.79
C SER C 341 -18.54 4.16 -2.68
N ILE C 342 -18.30 3.42 -1.60
CA ILE C 342 -17.13 2.55 -1.44
C ILE C 342 -17.62 1.13 -1.25
N THR C 343 -17.19 0.23 -2.10
CA THR C 343 -17.63 -1.15 -2.04
C THR C 343 -16.41 -2.02 -1.82
N PHE C 344 -16.52 -2.99 -0.92
CA PHE C 344 -15.49 -3.99 -0.67
C PHE C 344 -16.03 -5.34 -1.13
N ASP C 345 -15.40 -5.92 -2.15
CA ASP C 345 -15.67 -7.31 -2.53
C ASP C 345 -14.59 -8.17 -1.89
N PHE C 346 -14.99 -9.13 -1.06
CA PHE C 346 -14.03 -10.07 -0.50
C PHE C 346 -14.24 -11.45 -1.09
N GLY C 347 -13.16 -12.19 -1.27
CA GLY C 347 -13.31 -13.54 -1.79
C GLY C 347 -12.04 -14.34 -1.57
N TRP C 348 -12.00 -15.50 -2.21
CA TRP C 348 -10.78 -16.31 -2.26
C TRP C 348 -10.91 -17.24 -3.46
N GLY C 349 -9.78 -17.82 -3.86
CA GLY C 349 -9.78 -18.78 -4.95
C GLY C 349 -9.01 -20.06 -4.65
N LYS C 350 -8.04 -20.00 -3.76
CA LYS C 350 -7.29 -21.20 -3.40
C LYS C 350 -8.22 -22.26 -2.80
N VAL C 351 -7.92 -23.53 -3.06
CA VAL C 351 -8.68 -24.65 -2.49
C VAL C 351 -8.32 -24.82 -1.02
N TYR C 352 -9.32 -24.66 -0.14
CA TYR C 352 -9.17 -24.94 1.30
C TYR C 352 -10.05 -26.15 1.68
N LYS C 353 -9.42 -27.32 1.86
CA LYS C 353 -10.17 -28.50 2.25
C LYS C 353 -10.47 -28.51 3.75
N ASP C 354 -9.56 -28.04 4.55
CA ASP C 354 -9.82 -27.83 5.96
C ASP C 354 -10.36 -26.42 6.18
N PRO C 355 -11.51 -26.27 6.82
CA PRO C 355 -12.16 -24.96 6.83
C PRO C 355 -11.41 -23.96 7.70
N ILE C 356 -11.43 -22.70 7.29
CA ILE C 356 -10.71 -21.65 8.01
C ILE C 356 -11.58 -20.41 8.15
N PRO C 357 -11.39 -19.66 9.24
CA PRO C 357 -12.19 -18.44 9.45
C PRO C 357 -11.93 -17.40 8.38
N TYR C 358 -12.98 -16.70 7.93
CA TYR C 358 -12.77 -15.58 7.00
C TYR C 358 -12.42 -14.36 7.86
N ASP C 359 -11.12 -14.15 8.05
CA ASP C 359 -10.56 -13.26 9.07
C ASP C 359 -9.33 -12.59 8.44
N THR C 360 -9.51 -11.41 7.82
CA THR C 360 -8.53 -10.90 6.86
C THR C 360 -7.39 -10.16 7.57
N SER C 361 -6.20 -10.25 6.96
CA SER C 361 -5.12 -9.34 7.30
C SER C 361 -5.55 -7.89 6.93
N SER C 362 -4.90 -6.91 7.56
CA SER C 362 -5.25 -5.53 7.31
C SER C 362 -4.71 -5.10 5.95
N PHE C 363 -5.49 -4.30 5.23
CA PHE C 363 -5.13 -3.88 3.88
C PHE C 363 -5.11 -2.35 3.81
N THR C 364 -4.03 -1.79 3.28
CA THR C 364 -3.85 -0.34 3.17
C THR C 364 -4.14 0.10 1.74
N PHE C 365 -4.87 1.20 1.56
CA PHE C 365 -5.01 1.77 0.22
C PHE C 365 -5.25 3.27 0.32
N SER C 366 -5.32 3.91 -0.84
CA SER C 366 -5.55 5.35 -0.88
C SER C 366 -6.34 5.66 -2.12
N TYR C 367 -7.01 6.81 -2.12
CA TYR C 367 -7.77 7.25 -3.29
C TYR C 367 -7.91 8.78 -3.31
N ILE C 368 -8.20 9.31 -4.49
CA ILE C 368 -8.39 10.75 -4.66
C ILE C 368 -9.72 11.18 -4.06
N ALA C 369 -9.68 12.19 -3.19
CA ALA C 369 -10.87 12.70 -2.51
C ALA C 369 -11.68 13.61 -3.41
N GLN C 370 -13.00 13.67 -3.15
CA GLN C 370 -13.87 14.61 -3.86
C GLN C 370 -13.44 16.06 -3.63
N GLU C 371 -13.18 16.42 -2.38
CA GLU C 371 -12.80 17.80 -2.01
C GLU C 371 -11.43 17.81 -1.33
OA4 SIO D . 4.73 -14.22 -7.25
CA4 SIO D . 3.74 -13.65 -7.69
CM4 SIO D . 2.54 -13.22 -6.88
O4 SIO D . 3.69 -13.40 -9.10
C4 SIO D . 4.78 -13.84 -9.88
C5 SIO D . 4.79 -12.89 -11.08
N5 SIO D . 5.21 -11.56 -10.61
C10 SIO D . 4.37 -10.55 -10.49
O10 SIO D . 3.22 -10.66 -10.85
C11 SIO D . 4.90 -9.26 -9.90
C3 SIO D . 4.58 -15.29 -10.29
C2 SIO D . 5.47 -15.71 -11.45
O2 SIO D . 5.04 -16.98 -11.92
CM2 SIO D . 5.52 -17.44 -13.18
C1 SIO D . 6.92 -15.88 -11.04
O1B SIO D . 7.85 -15.41 -11.74
O1A SIO D . 7.14 -16.52 -9.98
O6 SIO D . 5.34 -14.79 -12.54
C6 SIO D . 5.70 -13.43 -12.17
C7 SIO D . 5.75 -12.56 -13.40
O7 SIO D . 4.45 -12.38 -14.04
C8 SIO D . 6.64 -13.22 -14.43
O8 SIO D . 7.94 -13.46 -13.89
C9 SIO D . 6.68 -12.28 -15.63
O9 SIO D . 7.81 -12.53 -16.43
CA9 SIO D . 8.54 -11.38 -16.93
OA9 SIO D . 7.89 -10.49 -17.47
CM9 SIO D . 10.02 -11.30 -16.72
C1 PGE E . 17.66 -11.03 20.32
O1 PGE E . 17.99 -12.10 19.45
C2 PGE E . 17.50 -9.76 19.52
O2 PGE E . 18.73 -9.08 19.48
C3 PGE E . 18.94 -8.15 20.53
C4 PGE E . 20.11 -7.25 20.16
O4 PGE E . 23.33 -9.56 19.94
C6 PGE E . 23.61 -8.25 20.45
C5 PGE E . 22.48 -7.29 20.09
O3 PGE E . 21.28 -8.03 20.02
C1 EDO F . 8.59 15.37 8.93
O1 EDO F . 7.79 14.19 8.59
C2 EDO F . 10.05 15.10 9.32
O2 EDO F . 10.22 14.75 10.73
OA4 SIO G . -2.34 -13.23 -9.92
OA4 SIO G . -2.48 -13.17 -9.76
CA4 SIO G . -2.39 -13.40 -8.72
CA4 SIO G . -2.50 -13.37 -8.56
CM4 SIO G . -1.32 -12.92 -7.76
CM4 SIO G . -1.43 -12.93 -7.61
O4 SIO G . -3.51 -14.10 -8.17
O4 SIO G . -3.63 -14.09 -8.03
C4 SIO G . -4.52 -14.50 -9.10
C4 SIO G . -4.57 -14.53 -9.01
C5 SIO G . -5.79 -14.58 -8.28
C5 SIO G . -5.91 -14.63 -8.29
N5 SIO G . -6.20 -13.21 -8.01
N5 SIO G . -6.33 -13.27 -8.02
C10 SIO G . -6.10 -12.65 -6.80
C10 SIO G . -6.37 -12.78 -6.78
O10 SIO G . -5.70 -13.29 -5.84
O10 SIO G . -6.35 -13.54 -5.82
C11 SIO G . -6.53 -11.22 -6.68
C11 SIO G . -6.46 -11.29 -6.64
C3 SIO G . -4.14 -15.84 -9.72
C3 SIO G . -4.12 -15.88 -9.59
C2 SIO G . -5.32 -16.65 -10.28
C2 SIO G . -5.25 -16.67 -10.25
O2 SIO G . -4.92 -18.01 -10.38
O2 SIO G . -4.86 -18.04 -10.34
CM2 SIO G . -5.85 -19.01 -10.83
CM2 SIO G . -5.84 -19.04 -10.65
C1 SIO G . -5.70 -16.23 -11.68
C1 SIO G . -5.53 -16.24 -11.67
O1B SIO G . -6.91 -15.98 -11.93
O1B SIO G . -6.71 -16.07 -12.04
O1A SIO G . -4.81 -16.16 -12.56
O1A SIO G . -4.56 -16.07 -12.46
O6 SIO G . -6.44 -16.66 -9.39
O6 SIO G . -6.45 -16.68 -9.45
C6 SIO G . -6.91 -15.37 -8.95
C6 SIO G . -6.94 -15.38 -9.14
C7 SIO G . -8.08 -15.59 -8.01
C7 SIO G . -8.29 -15.54 -8.45
O7 SIO G . -7.65 -16.45 -6.95
O7 SIO G . -8.10 -16.13 -7.16
C8 SIO G . -9.25 -16.30 -8.67
C8 SIO G . -9.22 -16.46 -9.25
O8 SIO G . -9.53 -15.72 -9.96
O8 SIO G . -9.12 -16.13 -10.65
C9 SIO G . -10.51 -16.19 -7.81
C9 SIO G . -10.67 -16.31 -8.81
O9 SIO G . -11.35 -17.31 -8.07
O9 SIO G . -11.50 -17.07 -9.69
CA9 SIO G . -12.67 -17.44 -7.47
CA9 SIO G . -12.58 -16.41 -10.41
OA9 SIO G . -13.24 -16.43 -7.08
OA9 SIO G . -12.74 -15.20 -10.26
CM9 SIO G . -13.29 -18.80 -7.32
CM9 SIO G . -13.45 -17.22 -11.33
C1 PGE H . 8.30 10.30 -30.28
O1 PGE H . 7.85 8.94 -30.36
C2 PGE H . 7.71 11.00 -29.07
O2 PGE H . 8.52 10.73 -27.93
C3 PGE H . 8.36 11.58 -26.81
C4 PGE H . 9.61 11.51 -25.92
O4 PGE H . 11.06 7.46 -24.81
C6 PGE H . 11.03 8.73 -25.49
C5 PGE H . 10.64 9.84 -24.55
O3 PGE H . 9.45 10.47 -24.98
OA4 SIO I . -1.08 -16.15 -2.88
OA4 SIO I . -1.10 -16.04 -2.99
CA4 SIO I . -0.05 -15.54 -3.15
CA4 SIO I . -0.06 -15.44 -3.22
CM4 SIO I . -0.08 -14.23 -3.87
CM4 SIO I . -0.05 -14.14 -3.95
O4 SIO I . 1.24 -16.10 -2.78
O4 SIO I . 1.21 -16.01 -2.79
C4 SIO I . 1.19 -17.29 -2.00
C4 SIO I . 1.14 -17.22 -2.06
C5 SIO I . 2.39 -17.25 -1.06
C5 SIO I . 2.35 -17.28 -1.12
N5 SIO I . 2.15 -16.21 -0.07
N5 SIO I . 2.17 -16.29 -0.08
C10 SIO I . 2.94 -15.15 0.09
C10 SIO I . 2.76 -15.10 -0.13
O10 SIO I . 4.04 -15.08 -0.43
O10 SIO I . 3.48 -14.81 -1.07
C11 SIO I . 2.42 -14.04 0.95
C11 SIO I . 2.50 -14.16 1.01
C3 SIO I . 1.22 -18.51 -2.91
C3 SIO I . 1.13 -18.40 -3.02
C2 SIO I . 1.55 -19.80 -2.16
C2 SIO I . 1.40 -19.74 -2.33
O2 SIO I . 1.79 -20.86 -3.10
O2 SIO I . 1.60 -20.74 -3.32
CM2 SIO I . 2.66 -21.94 -2.74
CM2 SIO I . 2.62 -21.72 -3.14
C1 SIO I . 0.38 -20.27 -1.32
C1 SIO I . 0.22 -20.18 -1.50
O1B SIO I . 0.60 -20.80 -0.19
O1B SIO I . 0.40 -20.76 -0.40
O1A SIO I . -0.78 -20.10 -1.76
O1A SIO I . -0.93 -19.96 -1.94
O6 SIO I . 2.74 -19.67 -1.38
O6 SIO I . 2.60 -19.68 -1.55
C6 SIO I . 2.68 -18.61 -0.39
C6 SIO I . 2.58 -18.67 -0.53
C7 SIO I . 3.97 -18.63 0.45
C7 SIO I . 3.84 -18.82 0.32
O7 SIO I . 5.07 -18.13 -0.32
O7 SIO I . 5.02 -18.67 -0.48
C8 SIO I . 4.33 -20.00 1.01
C8 SIO I . 3.88 -20.21 0.95
O8 SIO I . 3.21 -20.57 1.68
O8 SIO I . 2.63 -20.45 1.60
C9 SIO I . 5.50 -19.91 1.99
C9 SIO I . 4.99 -20.38 1.98
O9 SIO I . 6.08 -21.18 2.28
O9 SIO I . 5.05 -21.75 2.35
CA9 SIO I . 7.36 -21.28 3.01
CA9 SIO I . 4.69 -22.19 3.69
OA9 SIO I . 7.63 -20.46 3.87
OA9 SIO I . 4.20 -21.37 4.46
CM9 SIO I . 8.31 -22.38 2.68
CM9 SIO I . 4.94 -23.62 4.08
C1 EDO J . -29.33 -3.66 3.28
O1 EDO J . -28.49 -4.69 2.75
C2 EDO J . -28.72 -3.03 4.52
O2 EDO J . -28.79 -3.93 5.65
#